data_4HYJ
#
_entry.id   4HYJ
#
_cell.length_a   96.099
_cell.length_b   96.099
_cell.length_c   124.380
_cell.angle_alpha   90.00
_cell.angle_beta   90.00
_cell.angle_gamma   120.00
#
_symmetry.space_group_name_H-M   'P 3 2 1'
#
loop_
_entity.id
_entity.type
_entity.pdbx_description
1 polymer Rhodopsin
2 non-polymer RETINAL
3 non-polymer EICOSANE
4 water water
#
_entity_poly.entity_id   1
_entity_poly.type   'polypeptide(L)'
_entity_poly.pdbx_seq_one_letter_code
;MEEVNLLVLATQYMFWVGFVGMAAGTLYFLVERNSLAPEYRSTATVAALVTFVAAIHYYFMKDAVGTSGLLSEIDGFPTE
IRYIDWLVTTPLLLVKFPLLLGLKGRLGRPLLTKLVIADVIMIVGGYIGESSINIAGGFTQLGLWSYLIGCFAWIYIIYL
LFTNVTKAAENKPAPIRDALLKMRLFILIGWAIYPIGYAVTLFAPGVEIQLVRELIYNFADLTNKVGFGLIAFFAVKTMS
SLSSSKGKTLTSHHHHHH
;
_entity_poly.pdbx_strand_id   A,B
#
loop_
_chem_comp.id
_chem_comp.type
_chem_comp.name
_chem_comp.formula
LFA non-polymer EICOSANE 'C20 H42'
RET non-polymer RETINAL 'C20 H28 O'
#
# COMPACT_ATOMS: atom_id res chain seq x y z
N GLU A 3 -14.94 32.63 10.33
CA GLU A 3 -13.84 33.04 11.19
C GLU A 3 -12.68 32.02 11.20
N VAL A 4 -11.49 32.51 10.92
CA VAL A 4 -10.25 31.71 10.93
C VAL A 4 -10.05 30.97 12.26
N ASN A 5 -9.59 29.73 12.18
CA ASN A 5 -9.48 28.88 13.35
C ASN A 5 -8.03 28.52 13.74
N LEU A 6 -7.66 28.82 14.98
CA LEU A 6 -6.31 28.58 15.47
C LEU A 6 -5.93 27.10 15.45
N LEU A 7 -6.84 26.22 15.85
CA LEU A 7 -6.58 24.78 15.80
C LEU A 7 -6.25 24.33 14.37
N VAL A 8 -6.96 24.87 13.39
CA VAL A 8 -6.66 24.58 11.98
C VAL A 8 -5.23 25.01 11.59
N LEU A 9 -4.82 26.22 11.98
CA LEU A 9 -3.48 26.72 11.65
C LEU A 9 -2.44 25.83 12.33
N ALA A 10 -2.70 25.48 13.59
CA ALA A 10 -1.83 24.58 14.34
C ALA A 10 -1.60 23.24 13.64
N THR A 11 -2.68 22.60 13.19
CA THR A 11 -2.55 21.29 12.55
C THR A 11 -1.86 21.43 11.19
N GLN A 12 -2.11 22.53 10.49
CA GLN A 12 -1.34 22.82 9.29
C GLN A 12 0.14 22.76 9.64
N TYR A 13 0.51 23.40 10.74
CA TYR A 13 1.91 23.45 11.13
C TYR A 13 2.42 22.04 11.46
N MET A 14 1.66 21.31 12.28
CA MET A 14 2.04 19.95 12.66
C MET A 14 2.21 18.98 11.48
N PHE A 15 1.44 19.19 10.41
CA PHE A 15 1.65 18.35 9.26
C PHE A 15 3.05 18.62 8.68
N TRP A 16 3.48 19.88 8.71
CA TRP A 16 4.85 20.19 8.30
C TRP A 16 5.89 19.54 9.22
N VAL A 17 5.61 19.52 10.53
CA VAL A 17 6.46 18.81 11.49
C VAL A 17 6.61 17.34 11.11
N GLY A 18 5.49 16.68 10.81
CA GLY A 18 5.53 15.29 10.36
C GLY A 18 6.39 15.18 9.12
N PHE A 19 6.15 16.04 8.13
CA PHE A 19 6.91 16.00 6.88
C PHE A 19 8.41 16.12 7.12
N VAL A 20 8.79 17.16 7.86
CA VAL A 20 10.19 17.43 8.12
C VAL A 20 10.81 16.33 8.97
N GLY A 21 10.09 15.85 9.99
CA GLY A 21 10.63 14.76 10.81
C GLY A 21 10.88 13.51 9.96
N MET A 22 9.88 13.15 9.17
CA MET A 22 10.01 12.00 8.28
C MET A 22 11.12 12.20 7.22
N ALA A 23 11.19 13.40 6.63
CA ALA A 23 12.25 13.66 5.63
C ALA A 23 13.62 13.51 6.28
N ALA A 24 13.74 14.00 7.52
CA ALA A 24 15.00 13.97 8.23
C ALA A 24 15.40 12.56 8.65
N GLY A 25 14.46 11.79 9.16
CA GLY A 25 14.74 10.39 9.43
C GLY A 25 15.14 9.68 8.14
N THR A 26 14.44 9.97 7.05
CA THR A 26 14.76 9.33 5.78
C THR A 26 16.23 9.58 5.42
N LEU A 27 16.65 10.84 5.53
CA LEU A 27 18.02 11.19 5.19
C LEU A 27 19.04 10.61 6.15
N TYR A 28 18.70 10.55 7.44
CA TYR A 28 19.59 9.92 8.40
C TYR A 28 19.87 8.46 8.02
N PHE A 29 18.80 7.68 7.80
CA PHE A 29 18.96 6.27 7.48
C PHE A 29 19.79 6.07 6.23
N LEU A 30 19.50 6.85 5.19
CA LEU A 30 20.23 6.75 3.92
C LEU A 30 21.72 7.15 4.02
N VAL A 31 22.04 8.15 4.84
CA VAL A 31 23.43 8.57 4.98
C VAL A 31 24.25 7.56 5.82
N GLU A 32 23.61 6.97 6.82
CA GLU A 32 24.31 6.07 7.74
C GLU A 32 24.32 4.61 7.28
N ARG A 33 23.75 4.36 6.10
CA ARG A 33 23.71 3.01 5.53
C ARG A 33 25.10 2.36 5.31
N ASN A 34 26.04 3.08 4.71
CA ASN A 34 27.38 2.52 4.46
C ASN A 34 28.21 2.40 5.73
N SER A 35 27.73 3.02 6.80
CA SER A 35 28.32 2.85 8.12
C SER A 35 28.05 1.44 8.64
N LEU A 36 27.31 0.66 7.86
CA LEU A 36 26.90 -0.68 8.25
C LEU A 36 27.61 -1.76 7.44
N ALA A 37 27.81 -2.93 8.04
CA ALA A 37 28.25 -4.10 7.30
C ALA A 37 27.27 -4.34 6.17
N PRO A 38 27.77 -4.78 5.00
CA PRO A 38 26.94 -5.02 3.80
C PRO A 38 25.72 -5.90 4.07
N GLU A 39 25.80 -6.72 5.12
CA GLU A 39 24.72 -7.63 5.48
C GLU A 39 23.60 -6.98 6.30
N TYR A 40 23.87 -5.78 6.82
CA TYR A 40 22.88 -5.06 7.63
C TYR A 40 22.24 -3.88 6.89
N ARG A 41 22.76 -3.55 5.71
CA ARG A 41 22.33 -2.34 5.00
C ARG A 41 20.83 -2.29 4.67
N SER A 42 20.24 -3.46 4.45
CA SER A 42 18.82 -3.56 4.16
C SER A 42 17.99 -3.02 5.31
N THR A 43 18.50 -3.17 6.53
CA THR A 43 17.83 -2.67 7.73
C THR A 43 17.64 -1.15 7.67
N ALA A 44 18.65 -0.45 7.17
CA ALA A 44 18.56 1.00 7.00
C ALA A 44 17.62 1.38 5.85
N THR A 45 17.73 0.65 4.74
CA THR A 45 16.97 0.97 3.54
C THR A 45 15.47 0.82 3.75
N VAL A 46 15.08 -0.28 4.39
CA VAL A 46 13.68 -0.50 4.68
C VAL A 46 13.16 0.59 5.60
N ALA A 47 13.95 0.94 6.63
CA ALA A 47 13.52 1.98 7.58
C ALA A 47 13.38 3.33 6.89
N ALA A 48 14.28 3.61 5.95
CA ALA A 48 14.24 4.85 5.18
C ALA A 48 13.05 4.89 4.22
N LEU A 49 12.72 3.74 3.64
CA LEU A 49 11.61 3.66 2.69
C LEU A 49 10.30 4.02 3.42
N VAL A 50 10.19 3.57 4.67
CA VAL A 50 9.00 3.83 5.48
C VAL A 50 8.84 5.33 5.80
N THR A 51 9.87 5.96 6.32
CA THR A 51 9.80 7.41 6.62
C THR A 51 9.60 8.19 5.33
N PHE A 52 10.12 7.65 4.24
CA PHE A 52 9.98 8.31 2.95
C PHE A 52 8.50 8.33 2.56
N VAL A 53 7.85 7.18 2.71
CA VAL A 53 6.43 7.09 2.39
C VAL A 53 5.63 8.01 3.30
N ALA A 54 5.92 7.98 4.59
CA ALA A 54 5.20 8.87 5.51
C ALA A 54 5.44 10.34 5.15
N ALA A 55 6.63 10.65 4.61
CA ALA A 55 6.93 12.05 4.24
C ALA A 55 5.99 12.51 3.14
N ILE A 56 5.82 11.67 2.12
CA ILE A 56 4.93 11.98 1.01
C ILE A 56 3.50 12.15 1.52
N HIS A 57 3.10 11.26 2.42
CA HIS A 57 1.80 11.34 3.06
C HIS A 57 1.64 12.72 3.72
N TYR A 58 2.58 13.09 4.59
CA TYR A 58 2.46 14.37 5.29
C TYR A 58 2.53 15.58 4.37
N TYR A 59 3.36 15.51 3.31
CA TYR A 59 3.39 16.58 2.30
C TYR A 59 1.99 16.84 1.74
N PHE A 60 1.27 15.78 1.38
CA PHE A 60 -0.03 15.96 0.73
C PHE A 60 -1.17 16.33 1.68
N MET A 61 -0.98 16.10 2.98
CA MET A 61 -1.93 16.61 3.98
C MET A 61 -2.11 18.14 3.90
N LYS A 62 -1.07 18.85 3.44
CA LYS A 62 -1.13 20.31 3.26
C LYS A 62 -2.37 20.73 2.44
N ASP A 63 -2.77 19.89 1.49
CA ASP A 63 -3.88 20.19 0.58
C ASP A 63 -5.22 19.81 1.19
N ALA A 64 -5.21 18.94 2.20
CA ALA A 64 -6.44 18.54 2.87
C ALA A 64 -6.99 19.69 3.69
N VAL A 65 -6.17 20.21 4.62
CA VAL A 65 -6.56 21.38 5.40
C VAL A 65 -6.62 22.62 4.52
N GLY A 66 -5.55 22.85 3.74
CA GLY A 66 -5.45 24.04 2.91
C GLY A 66 -4.68 25.17 3.58
N THR A 67 -4.86 26.38 3.07
CA THR A 67 -4.13 27.53 3.58
C THR A 67 -5.07 28.56 4.22
N SER A 68 -6.37 28.29 4.15
CA SER A 68 -7.41 29.24 4.53
C SER A 68 -7.55 29.48 6.03
N GLY A 69 -7.35 28.43 6.83
CA GLY A 69 -7.51 28.53 8.27
C GLY A 69 -8.96 28.30 8.69
N LEU A 70 -9.81 28.07 7.69
CA LEU A 70 -11.24 27.87 7.93
C LEU A 70 -11.59 26.39 8.07
N LEU A 71 -12.33 26.06 9.12
CA LEU A 71 -12.86 24.71 9.33
C LEU A 71 -13.56 24.15 8.09
N SER A 72 -14.52 24.91 7.58
CA SER A 72 -15.37 24.46 6.48
C SER A 72 -14.59 24.26 5.19
N GLU A 73 -13.36 24.75 5.15
CA GLU A 73 -12.52 24.62 3.97
C GLU A 73 -11.78 23.28 3.92
N ILE A 74 -11.80 22.56 5.04
CA ILE A 74 -11.12 21.26 5.13
C ILE A 74 -11.77 20.20 4.22
N ASP A 75 -11.01 19.71 3.25
CA ASP A 75 -11.49 18.75 2.25
C ASP A 75 -10.43 17.70 1.93
N GLY A 76 -10.25 17.42 0.64
CA GLY A 76 -9.30 16.43 0.17
C GLY A 76 -9.72 15.02 0.51
N PHE A 77 -8.76 14.10 0.44
CA PHE A 77 -9.00 12.71 0.76
C PHE A 77 -7.99 12.23 1.81
N PRO A 78 -8.02 12.85 3.01
CA PRO A 78 -7.06 12.53 4.06
C PRO A 78 -7.17 11.09 4.54
N THR A 79 -8.37 10.52 4.56
CA THR A 79 -8.51 9.11 4.95
C THR A 79 -7.76 8.16 3.98
N GLU A 80 -7.94 8.37 2.68
CA GLU A 80 -7.24 7.54 1.68
C GLU A 80 -5.73 7.75 1.78
N ILE A 81 -5.31 9.00 1.95
CA ILE A 81 -3.90 9.31 2.00
C ILE A 81 -3.26 8.54 3.15
N ARG A 82 -3.90 8.58 4.31
CA ARG A 82 -3.36 7.92 5.49
C ARG A 82 -3.36 6.39 5.33
N TYR A 83 -4.42 5.85 4.76
CA TYR A 83 -4.51 4.39 4.69
C TYR A 83 -3.56 3.78 3.66
N ILE A 84 -3.33 4.51 2.57
CA ILE A 84 -2.37 4.06 1.55
C ILE A 84 -0.98 4.06 2.17
N ASP A 85 -0.67 5.09 2.96
CA ASP A 85 0.56 5.11 3.76
C ASP A 85 0.59 3.86 4.65
N TRP A 86 -0.43 3.70 5.50
CA TRP A 86 -0.52 2.55 6.41
C TRP A 86 -0.36 1.22 5.71
N LEU A 87 -0.99 1.08 4.55
CA LEU A 87 -0.99 -0.21 3.85
C LEU A 87 0.44 -0.58 3.42
N VAL A 88 1.22 0.42 3.04
CA VAL A 88 2.59 0.16 2.64
C VAL A 88 3.52 0.05 3.84
N THR A 89 3.40 1.00 4.77
CA THR A 89 4.43 1.10 5.82
C THR A 89 4.32 0.06 6.92
N THR A 90 3.09 -0.28 7.32
CA THR A 90 2.96 -1.27 8.40
C THR A 90 3.63 -2.62 8.11
N PRO A 91 3.45 -3.16 6.89
CA PRO A 91 4.17 -4.41 6.58
C PRO A 91 5.67 -4.20 6.56
N LEU A 92 6.10 -3.06 6.05
CA LEU A 92 7.54 -2.80 5.95
C LEU A 92 8.15 -2.61 7.33
N LEU A 93 7.33 -2.17 8.28
CA LEU A 93 7.79 -2.08 9.66
C LEU A 93 7.83 -3.49 10.26
N LEU A 94 6.80 -4.31 10.01
CA LEU A 94 6.78 -5.65 10.60
C LEU A 94 7.92 -6.55 10.10
N VAL A 95 8.34 -6.39 8.85
CA VAL A 95 9.44 -7.22 8.32
C VAL A 95 10.74 -7.00 9.08
N LYS A 96 10.88 -5.86 9.75
CA LYS A 96 12.07 -5.62 10.57
C LYS A 96 12.33 -6.72 11.61
N PHE A 97 11.28 -7.43 12.01
CA PHE A 97 11.45 -8.54 12.96
C PHE A 97 12.14 -9.76 12.33
N PRO A 98 11.55 -10.35 11.28
CA PRO A 98 12.28 -11.49 10.70
C PRO A 98 13.59 -11.05 10.04
N LEU A 99 13.70 -9.77 9.70
CA LEU A 99 14.92 -9.28 9.08
C LEU A 99 16.08 -9.32 10.08
N LEU A 100 15.79 -9.01 11.33
CA LEU A 100 16.80 -9.08 12.40
C LEU A 100 17.14 -10.53 12.75
N LEU A 101 16.13 -11.40 12.65
CA LEU A 101 16.33 -12.82 12.91
C LEU A 101 17.14 -13.45 11.78
N GLY A 102 16.69 -13.29 10.54
CA GLY A 102 17.36 -13.86 9.39
C GLY A 102 16.38 -14.35 8.33
N ARG A 106 14.60 -19.74 4.70
CA ARG A 106 13.28 -20.38 4.75
C ARG A 106 12.87 -20.61 6.20
N LEU A 107 13.43 -19.81 7.10
CA LEU A 107 13.26 -20.01 8.54
C LEU A 107 12.66 -18.81 9.27
N GLY A 108 12.68 -17.65 8.60
CA GLY A 108 12.02 -16.45 9.10
C GLY A 108 10.88 -16.06 8.18
N ARG A 109 10.73 -16.79 7.08
CA ARG A 109 9.67 -16.52 6.11
C ARG A 109 8.25 -16.97 6.55
N PRO A 110 8.14 -18.05 7.35
CA PRO A 110 6.77 -18.33 7.80
C PRO A 110 6.23 -17.26 8.75
N LEU A 111 7.10 -16.77 9.64
CA LEU A 111 6.73 -15.71 10.58
C LEU A 111 6.26 -14.48 9.83
N LEU A 112 7.04 -14.10 8.81
CA LEU A 112 6.78 -12.90 8.02
C LEU A 112 5.40 -12.98 7.37
N THR A 113 5.12 -14.13 6.77
CA THR A 113 3.87 -14.37 6.09
C THR A 113 2.67 -14.21 7.04
N LYS A 114 2.79 -14.73 8.25
CA LYS A 114 1.71 -14.56 9.21
C LYS A 114 1.56 -13.09 9.58
N LEU A 115 2.68 -12.42 9.83
CA LEU A 115 2.64 -11.01 10.23
C LEU A 115 1.88 -10.18 9.21
N VAL A 116 2.17 -10.37 7.92
CA VAL A 116 1.62 -9.48 6.91
C VAL A 116 0.17 -9.73 6.53
N ILE A 117 -0.26 -10.99 6.55
CA ILE A 117 -1.68 -11.27 6.33
C ILE A 117 -2.48 -10.58 7.42
N ALA A 118 -2.08 -10.82 8.66
CA ALA A 118 -2.77 -10.19 9.78
C ALA A 118 -2.79 -8.66 9.59
N ASP A 119 -1.63 -8.10 9.24
CA ASP A 119 -1.52 -6.65 9.13
C ASP A 119 -2.44 -6.12 8.03
N VAL A 120 -2.50 -6.85 6.93
CA VAL A 120 -3.34 -6.44 5.82
C VAL A 120 -4.82 -6.47 6.24
N ILE A 121 -5.24 -7.51 6.96
CA ILE A 121 -6.60 -7.55 7.50
C ILE A 121 -6.88 -6.34 8.39
N MET A 122 -5.94 -6.05 9.30
CA MET A 122 -6.08 -4.88 10.18
C MET A 122 -6.28 -3.57 9.42
N ILE A 123 -5.37 -3.26 8.50
CA ILE A 123 -5.43 -2.00 7.75
C ILE A 123 -6.70 -1.90 6.89
N VAL A 124 -7.02 -2.93 6.10
CA VAL A 124 -8.16 -2.77 5.21
C VAL A 124 -9.48 -2.80 5.97
N GLY A 125 -9.55 -3.64 7.03
CA GLY A 125 -10.66 -3.56 7.94
C GLY A 125 -10.86 -2.12 8.41
N GLY A 126 -9.78 -1.50 8.89
CA GLY A 126 -9.85 -0.13 9.34
C GLY A 126 -10.36 0.76 8.23
N TYR A 127 -9.87 0.56 7.01
CA TYR A 127 -10.23 1.47 5.94
C TYR A 127 -11.72 1.38 5.66
N ILE A 128 -12.21 0.14 5.54
CA ILE A 128 -13.64 -0.09 5.31
C ILE A 128 -14.51 0.55 6.41
N GLY A 129 -14.09 0.39 7.66
CA GLY A 129 -14.82 0.98 8.77
C GLY A 129 -14.81 2.49 8.78
N GLU A 130 -13.63 3.09 8.70
CA GLU A 130 -13.56 4.56 8.64
C GLU A 130 -14.35 5.15 7.50
N SER A 131 -14.23 4.55 6.30
CA SER A 131 -14.95 5.05 5.13
C SER A 131 -16.45 5.03 5.39
N SER A 132 -16.94 3.94 5.98
CA SER A 132 -18.36 3.88 6.31
C SER A 132 -18.76 4.97 7.31
N ILE A 133 -17.98 5.13 8.37
CA ILE A 133 -18.25 6.19 9.37
C ILE A 133 -18.29 7.57 8.71
N ASN A 134 -17.30 7.88 7.86
CA ASN A 134 -17.26 9.17 7.15
C ASN A 134 -18.48 9.41 6.26
N ILE A 135 -18.84 8.42 5.44
CA ILE A 135 -19.98 8.57 4.53
C ILE A 135 -21.26 8.82 5.34
N ALA A 136 -21.42 8.11 6.45
CA ALA A 136 -22.63 8.25 7.26
C ALA A 136 -22.57 9.49 8.15
N GLY A 137 -21.36 9.98 8.41
CA GLY A 137 -21.22 11.11 9.31
C GLY A 137 -21.38 10.72 10.76
N GLY A 138 -21.25 9.44 11.05
CA GLY A 138 -21.39 8.97 12.43
C GLY A 138 -21.31 7.47 12.54
N PHE A 139 -21.73 6.94 13.69
CA PHE A 139 -21.70 5.51 13.94
C PHE A 139 -22.40 4.69 12.86
N THR A 140 -21.71 3.64 12.43
CA THR A 140 -22.33 2.56 11.66
C THR A 140 -21.86 1.27 12.29
N GLN A 141 -22.66 0.22 12.15
CA GLN A 141 -22.27 -1.07 12.68
C GLN A 141 -21.13 -1.70 11.87
N LEU A 142 -21.17 -1.50 10.55
CA LEU A 142 -20.03 -1.88 9.71
C LEU A 142 -18.78 -1.24 10.31
N GLY A 143 -18.89 0.04 10.70
CA GLY A 143 -17.79 0.73 11.37
C GLY A 143 -17.33 0.02 12.64
N LEU A 144 -18.27 -0.63 13.33
CA LEU A 144 -17.95 -1.32 14.56
C LEU A 144 -17.34 -2.70 14.31
N TRP A 145 -17.90 -3.46 13.37
CA TRP A 145 -17.44 -4.85 13.19
C TRP A 145 -16.08 -4.90 12.47
N SER A 146 -15.91 -4.07 11.43
CA SER A 146 -14.61 -3.88 10.76
C SER A 146 -13.51 -3.68 11.79
N TYR A 147 -13.78 -2.73 12.69
CA TYR A 147 -12.87 -2.37 13.76
C TYR A 147 -12.46 -3.57 14.59
N LEU A 148 -13.46 -4.32 15.05
CA LEU A 148 -13.23 -5.45 15.95
C LEU A 148 -12.37 -6.51 15.26
N ILE A 149 -12.71 -6.81 14.02
CA ILE A 149 -11.91 -7.72 13.20
C ILE A 149 -10.46 -7.18 13.08
N GLY A 150 -10.34 -5.89 12.78
CA GLY A 150 -9.03 -5.23 12.74
C GLY A 150 -8.25 -5.40 14.01
N CYS A 151 -8.91 -5.19 15.15
CA CYS A 151 -8.27 -5.33 16.46
C CYS A 151 -7.81 -6.76 16.71
N PHE A 152 -8.62 -7.72 16.26
CA PHE A 152 -8.29 -9.13 16.35
C PHE A 152 -6.98 -9.41 15.61
N ALA A 153 -6.90 -8.94 14.35
CA ALA A 153 -5.67 -9.08 13.56
C ALA A 153 -4.50 -8.48 14.32
N TRP A 154 -4.70 -7.27 14.84
CA TRP A 154 -3.67 -6.58 15.62
C TRP A 154 -3.20 -7.42 16.83
N ILE A 155 -4.14 -7.93 17.60
CA ILE A 155 -3.79 -8.74 18.76
C ILE A 155 -3.05 -10.02 18.32
N TYR A 156 -3.46 -10.60 17.19
CA TYR A 156 -2.73 -11.73 16.62
C TYR A 156 -1.26 -11.37 16.35
N ILE A 157 -1.04 -10.19 15.78
CA ILE A 157 0.33 -9.73 15.55
C ILE A 157 1.14 -9.66 16.84
N ILE A 158 0.56 -9.03 17.88
CA ILE A 158 1.23 -8.88 19.16
C ILE A 158 1.59 -10.26 19.73
N TYR A 159 0.67 -11.22 19.56
CA TYR A 159 0.87 -12.59 20.00
C TYR A 159 2.13 -13.20 19.35
N LEU A 160 2.26 -13.07 18.03
CA LEU A 160 3.45 -13.56 17.35
C LEU A 160 4.73 -12.94 17.89
N LEU A 161 4.69 -11.63 18.15
CA LEU A 161 5.89 -10.93 18.59
C LEU A 161 6.33 -11.35 19.99
N PHE A 162 5.36 -11.50 20.87
CA PHE A 162 5.62 -11.89 22.25
C PHE A 162 5.71 -13.40 22.47
N THR A 163 5.64 -14.18 21.39
CA THR A 163 5.87 -15.63 21.46
C THR A 163 6.92 -16.08 20.44
N ASN A 164 6.51 -16.18 19.18
CA ASN A 164 7.41 -16.59 18.11
C ASN A 164 8.70 -15.76 18.08
N VAL A 165 8.55 -14.45 17.94
CA VAL A 165 9.73 -13.57 17.83
C VAL A 165 10.56 -13.59 19.11
N THR A 166 9.88 -13.51 20.26
CA THR A 166 10.55 -13.46 21.54
C THR A 166 11.48 -14.66 21.76
N LYS A 167 11.01 -15.85 21.39
CA LYS A 167 11.79 -17.06 21.55
C LYS A 167 13.01 -17.10 20.63
N ALA A 168 12.81 -16.72 19.36
CA ALA A 168 13.90 -16.74 18.39
C ALA A 168 14.94 -15.69 18.74
N ALA A 169 14.49 -14.63 19.42
CA ALA A 169 15.38 -13.53 19.83
C ALA A 169 16.54 -14.04 20.66
N GLU A 170 16.27 -14.97 21.57
CA GLU A 170 17.29 -15.51 22.47
C GLU A 170 18.45 -16.21 21.75
N ASN A 171 18.17 -16.77 20.57
CA ASN A 171 19.20 -17.41 19.75
C ASN A 171 20.02 -16.39 18.95
N LYS A 172 19.77 -15.10 19.21
CA LYS A 172 20.50 -14.04 18.54
C LYS A 172 21.42 -13.34 19.54
N PRO A 173 22.53 -12.77 19.05
CA PRO A 173 23.46 -11.96 19.85
C PRO A 173 22.75 -10.89 20.67
N ALA A 174 23.23 -10.61 21.88
CA ALA A 174 22.59 -9.66 22.80
C ALA A 174 22.02 -8.36 22.21
N PRO A 175 22.82 -7.60 21.42
CA PRO A 175 22.28 -6.31 20.97
C PRO A 175 21.13 -6.45 19.96
N ILE A 176 21.11 -7.55 19.22
CA ILE A 176 20.02 -7.82 18.30
C ILE A 176 18.80 -8.34 19.06
N ARG A 177 19.03 -9.24 20.00
CA ARG A 177 17.98 -9.74 20.87
C ARG A 177 17.31 -8.61 21.65
N ASP A 178 18.12 -7.70 22.18
CA ASP A 178 17.60 -6.63 23.01
C ASP A 178 16.83 -5.59 22.19
N ALA A 179 17.26 -5.37 20.94
CA ALA A 179 16.53 -4.49 20.03
C ALA A 179 15.17 -5.09 19.72
N LEU A 180 15.16 -6.38 19.35
CA LEU A 180 13.93 -7.10 19.02
C LEU A 180 12.90 -7.02 20.16
N LEU A 181 13.36 -7.15 21.39
CA LEU A 181 12.49 -7.08 22.56
C LEU A 181 11.95 -5.67 22.82
N LYS A 182 12.72 -4.65 22.46
CA LYS A 182 12.24 -3.26 22.58
C LYS A 182 11.18 -3.00 21.52
N MET A 183 11.49 -3.45 20.30
CA MET A 183 10.65 -3.23 19.14
C MET A 183 9.22 -3.73 19.35
N ARG A 184 9.08 -4.83 20.08
CA ARG A 184 7.77 -5.41 20.40
C ARG A 184 6.84 -4.38 21.03
N LEU A 185 7.39 -3.57 21.93
CA LEU A 185 6.60 -2.63 22.72
C LEU A 185 6.03 -1.50 21.85
N PHE A 186 6.70 -1.23 20.73
CA PHE A 186 6.17 -0.26 19.78
C PHE A 186 4.83 -0.77 19.25
N ILE A 187 4.81 -2.03 18.82
CA ILE A 187 3.61 -2.63 18.25
C ILE A 187 2.53 -2.77 19.33
N LEU A 188 2.93 -3.06 20.56
CA LEU A 188 1.97 -3.19 21.66
C LEU A 188 1.44 -1.85 22.20
N ILE A 189 2.35 -0.92 22.49
CA ILE A 189 1.95 0.36 23.10
C ILE A 189 1.84 1.48 22.07
N GLY A 190 2.89 1.67 21.28
CA GLY A 190 2.89 2.71 20.25
C GLY A 190 1.74 2.57 19.27
N TRP A 191 1.53 1.35 18.75
CA TRP A 191 0.46 1.13 17.78
C TRP A 191 -0.94 1.22 18.37
N ALA A 192 -1.05 1.13 19.70
CA ALA A 192 -2.35 1.20 20.37
C ALA A 192 -3.04 2.53 20.12
N ILE A 193 -2.23 3.55 19.84
CA ILE A 193 -2.77 4.89 19.62
C ILE A 193 -3.81 4.92 18.49
N TYR A 194 -3.53 4.22 17.38
CA TYR A 194 -4.43 4.30 16.22
C TYR A 194 -5.84 3.72 16.46
N PRO A 195 -5.93 2.45 16.95
CA PRO A 195 -7.28 1.94 17.27
C PRO A 195 -7.99 2.76 18.34
N ILE A 196 -7.24 3.37 19.27
CA ILE A 196 -7.87 4.26 20.26
C ILE A 196 -8.49 5.47 19.53
N GLY A 197 -7.71 6.08 18.64
CA GLY A 197 -8.20 7.19 17.85
C GLY A 197 -9.42 6.81 17.02
N TYR A 198 -9.43 5.59 16.50
CA TYR A 198 -10.59 5.12 15.73
C TYR A 198 -11.82 5.07 16.65
N ALA A 199 -11.64 4.49 17.82
CA ALA A 199 -12.76 4.35 18.77
C ALA A 199 -13.42 5.71 19.03
N VAL A 200 -12.61 6.72 19.33
CA VAL A 200 -13.12 8.09 19.50
C VAL A 200 -13.90 8.55 18.27
N THR A 201 -13.36 8.29 17.10
CA THR A 201 -13.97 8.71 15.84
C THR A 201 -15.31 8.02 15.68
N LEU A 202 -15.35 6.74 16.01
CA LEU A 202 -16.56 5.94 15.88
C LEU A 202 -17.68 6.46 16.78
N PHE A 203 -17.34 6.99 17.96
CA PHE A 203 -18.37 7.37 18.93
C PHE A 203 -18.52 8.88 19.19
N ALA A 204 -17.64 9.69 18.60
CA ALA A 204 -17.67 11.14 18.85
C ALA A 204 -17.31 11.88 17.58
N PRO A 205 -18.33 12.25 16.79
CA PRO A 205 -18.18 12.96 15.52
C PRO A 205 -17.77 14.42 15.72
N GLY A 206 -17.37 15.09 14.64
CA GLY A 206 -16.87 16.44 14.73
C GLY A 206 -15.55 16.63 13.99
N VAL A 207 -15.43 17.74 13.27
CA VAL A 207 -14.20 18.04 12.54
C VAL A 207 -13.04 18.22 13.51
N GLU A 208 -13.27 18.96 14.59
CA GLU A 208 -12.21 19.33 15.51
C GLU A 208 -11.54 18.15 16.18
N ILE A 209 -12.33 17.20 16.69
CA ILE A 209 -11.75 16.00 17.27
C ILE A 209 -10.93 15.22 16.24
N GLN A 210 -11.37 15.24 14.98
CA GLN A 210 -10.58 14.64 13.91
C GLN A 210 -9.20 15.29 13.79
N LEU A 211 -9.15 16.61 13.92
CA LEU A 211 -7.87 17.32 13.82
C LEU A 211 -6.95 16.92 14.98
N VAL A 212 -7.53 16.77 16.16
CA VAL A 212 -6.78 16.32 17.32
C VAL A 212 -6.24 14.89 17.14
N ARG A 213 -7.08 13.97 16.66
CA ARG A 213 -6.63 12.62 16.32
C ARG A 213 -5.45 12.68 15.32
N GLU A 214 -5.55 13.53 14.32
CA GLU A 214 -4.46 13.62 13.35
C GLU A 214 -3.19 14.16 14.02
N LEU A 215 -3.35 15.10 14.95
CA LEU A 215 -2.22 15.58 15.74
C LEU A 215 -1.53 14.47 16.50
N ILE A 216 -2.33 13.66 17.18
CA ILE A 216 -1.79 12.59 17.99
C ILE A 216 -1.15 11.53 17.09
N TYR A 217 -1.85 11.21 16.00
CA TYR A 217 -1.31 10.27 15.01
C TYR A 217 0.04 10.76 14.49
N ASN A 218 0.18 12.07 14.36
CA ASN A 218 1.43 12.63 13.90
C ASN A 218 2.58 12.25 14.86
N PHE A 219 2.35 12.37 16.16
CA PHE A 219 3.38 11.93 17.11
C PHE A 219 3.58 10.41 17.14
N ALA A 220 2.48 9.67 17.13
CA ALA A 220 2.54 8.22 17.03
C ALA A 220 3.43 7.83 15.86
N ASP A 221 3.18 8.45 14.70
CA ASP A 221 3.92 8.07 13.49
C ASP A 221 5.41 8.33 13.61
N LEU A 222 5.77 9.50 14.13
CA LEU A 222 7.17 9.86 14.35
C LEU A 222 7.85 8.80 15.20
N THR A 223 7.20 8.44 16.30
CA THR A 223 7.68 7.41 17.20
C THR A 223 7.75 6.06 16.53
N ASN A 224 6.66 5.68 15.86
CA ASN A 224 6.55 4.32 15.32
C ASN A 224 7.33 4.10 14.04
N LYS A 225 7.87 5.17 13.46
CA LYS A 225 8.62 5.04 12.20
C LYS A 225 10.09 5.44 12.37
N VAL A 226 10.33 6.66 12.87
CA VAL A 226 11.69 7.09 13.15
C VAL A 226 12.22 6.37 14.41
N GLY A 227 11.55 6.55 15.54
CA GLY A 227 11.89 5.86 16.77
C GLY A 227 12.16 4.37 16.54
N PHE A 228 11.14 3.66 16.05
CA PHE A 228 11.23 2.21 15.80
C PHE A 228 12.38 1.90 14.83
N GLY A 229 12.57 2.73 13.81
CA GLY A 229 13.68 2.51 12.89
C GLY A 229 15.02 2.67 13.56
N LEU A 230 15.14 3.67 14.43
CA LEU A 230 16.42 3.94 15.08
C LEU A 230 16.84 2.74 15.92
N ILE A 231 15.92 2.25 16.75
CA ILE A 231 16.16 1.09 17.60
C ILE A 231 16.88 -0.02 16.83
N ALA A 232 16.31 -0.43 15.70
CA ALA A 232 16.88 -1.54 14.94
C ALA A 232 18.21 -1.13 14.29
N PHE A 233 18.31 0.12 13.86
CA PHE A 233 19.54 0.63 13.27
C PHE A 233 20.76 0.61 14.20
N PHE A 234 20.54 0.87 15.49
CA PHE A 234 21.65 0.93 16.43
C PHE A 234 22.15 -0.47 16.76
N ALA A 235 21.25 -1.42 16.81
CA ALA A 235 21.62 -2.82 16.99
C ALA A 235 22.56 -3.28 15.87
N VAL A 236 22.18 -3.02 14.63
CA VAL A 236 22.99 -3.47 13.49
C VAL A 236 24.30 -2.67 13.31
N LYS A 237 24.36 -1.46 13.85
CA LYS A 237 25.62 -0.72 13.90
C LYS A 237 26.50 -1.24 15.04
N THR A 238 25.90 -1.49 16.20
CA THR A 238 26.62 -2.07 17.33
C THR A 238 27.16 -3.45 16.97
N MET A 239 26.39 -4.23 16.21
CA MET A 239 26.86 -5.54 15.75
C MET A 239 27.69 -5.46 14.47
N SER A 240 28.06 -4.23 14.08
CA SER A 240 28.96 -4.03 12.95
C SER A 240 30.38 -3.74 13.45
N SER A 241 30.78 -4.45 14.52
CA SER A 241 32.12 -4.35 15.08
C SER A 241 32.62 -5.72 15.52
N LEU B 7 19.95 -15.14 -20.00
CA LEU B 7 18.87 -14.15 -20.07
C LEU B 7 19.01 -13.11 -18.97
N VAL B 8 20.00 -13.31 -18.10
CA VAL B 8 20.20 -12.45 -16.93
C VAL B 8 20.55 -11.00 -17.28
N LEU B 9 21.29 -10.80 -18.37
CA LEU B 9 21.62 -9.46 -18.83
C LEU B 9 20.38 -8.77 -19.36
N ALA B 10 19.69 -9.44 -20.29
CA ALA B 10 18.50 -8.89 -20.94
C ALA B 10 17.29 -8.75 -20.00
N THR B 11 17.45 -9.17 -18.74
CA THR B 11 16.41 -9.00 -17.73
C THR B 11 16.86 -8.02 -16.65
N GLN B 12 18.17 -7.91 -16.45
CA GLN B 12 18.71 -6.89 -15.55
C GLN B 12 18.48 -5.52 -16.18
N TYR B 13 18.70 -5.45 -17.50
CA TYR B 13 18.43 -4.24 -18.26
C TYR B 13 16.94 -3.95 -18.31
N MET B 14 16.13 -5.00 -18.38
CA MET B 14 14.70 -4.83 -18.48
C MET B 14 14.10 -4.23 -17.22
N PHE B 15 14.75 -4.44 -16.08
CA PHE B 15 14.30 -3.82 -14.84
C PHE B 15 14.51 -2.32 -14.93
N TRP B 16 15.65 -1.92 -15.51
CA TRP B 16 15.93 -0.51 -15.69
C TRP B 16 14.91 0.13 -16.62
N VAL B 17 14.55 -0.60 -17.67
CA VAL B 17 13.59 -0.10 -18.65
C VAL B 17 12.23 0.06 -17.99
N GLY B 18 11.87 -0.90 -17.15
CA GLY B 18 10.65 -0.83 -16.39
C GLY B 18 10.71 0.35 -15.44
N PHE B 19 11.84 0.48 -14.75
CA PHE B 19 12.01 1.61 -13.85
C PHE B 19 11.78 2.93 -14.58
N VAL B 20 12.41 3.09 -15.75
CA VAL B 20 12.30 4.31 -16.52
C VAL B 20 10.86 4.54 -17.00
N GLY B 21 10.27 3.49 -17.59
CA GLY B 21 8.90 3.55 -18.05
C GLY B 21 7.97 4.05 -16.95
N MET B 22 8.08 3.46 -15.76
CA MET B 22 7.18 3.81 -14.64
C MET B 22 7.44 5.20 -14.08
N ALA B 23 8.72 5.56 -13.93
CA ALA B 23 9.04 6.89 -13.38
C ALA B 23 8.56 7.97 -14.36
N ALA B 24 8.69 7.70 -15.65
CA ALA B 24 8.18 8.62 -16.67
C ALA B 24 6.65 8.72 -16.61
N GLY B 25 5.99 7.58 -16.46
CA GLY B 25 4.55 7.56 -16.19
C GLY B 25 4.15 8.53 -15.08
N THR B 26 4.86 8.48 -13.97
CA THR B 26 4.50 9.32 -12.82
C THR B 26 4.60 10.80 -13.18
N LEU B 27 5.75 11.15 -13.75
CA LEU B 27 6.01 12.50 -14.21
C LEU B 27 4.89 12.95 -15.15
N TYR B 28 4.69 12.18 -16.21
CA TYR B 28 3.69 12.50 -17.21
C TYR B 28 2.32 12.74 -16.59
N PHE B 29 1.83 11.78 -15.80
CA PHE B 29 0.50 11.93 -15.20
C PHE B 29 0.47 13.11 -14.24
N LEU B 30 1.53 13.31 -13.47
CA LEU B 30 1.55 14.48 -12.58
C LEU B 30 1.48 15.80 -13.37
N VAL B 31 2.21 15.88 -14.49
CA VAL B 31 2.26 17.13 -15.26
C VAL B 31 0.93 17.42 -15.94
N GLU B 32 0.30 16.38 -16.47
CA GLU B 32 -0.96 16.50 -17.17
C GLU B 32 -2.13 16.76 -16.22
N ARG B 33 -1.94 16.43 -14.95
CA ARG B 33 -3.00 16.54 -13.95
C ARG B 33 -3.65 17.93 -13.89
N ASN B 34 -2.85 19.00 -13.83
CA ASN B 34 -3.39 20.35 -13.76
C ASN B 34 -4.21 20.74 -14.98
N SER B 35 -3.86 20.16 -16.12
CA SER B 35 -4.53 20.49 -17.36
C SER B 35 -5.96 19.95 -17.44
N LEU B 36 -6.32 19.07 -16.50
CA LEU B 36 -7.65 18.48 -16.45
C LEU B 36 -8.65 19.33 -15.66
N ALA B 37 -9.93 19.14 -15.93
CA ALA B 37 -10.97 19.70 -15.07
C ALA B 37 -10.80 19.09 -13.68
N PRO B 38 -11.09 19.87 -12.62
CA PRO B 38 -10.89 19.41 -11.23
C PRO B 38 -11.61 18.10 -10.96
N GLU B 39 -12.81 17.96 -11.54
CA GLU B 39 -13.61 16.74 -11.49
C GLU B 39 -12.84 15.48 -11.91
N TYR B 40 -11.87 15.66 -12.80
CA TYR B 40 -11.19 14.49 -13.37
C TYR B 40 -9.79 14.26 -12.84
N ARG B 41 -9.35 15.13 -11.93
CA ARG B 41 -7.94 15.09 -11.50
C ARG B 41 -7.54 13.83 -10.73
N SER B 42 -8.47 13.28 -9.95
CA SER B 42 -8.21 12.05 -9.19
C SER B 42 -7.76 10.91 -10.10
N THR B 43 -8.33 10.85 -11.30
CA THR B 43 -7.89 9.88 -12.31
C THR B 43 -6.37 9.93 -12.55
N ALA B 44 -5.84 11.13 -12.81
CA ALA B 44 -4.41 11.27 -13.03
C ALA B 44 -3.58 10.99 -11.77
N THR B 45 -4.11 11.42 -10.62
CA THR B 45 -3.43 11.22 -9.35
C THR B 45 -3.19 9.72 -9.10
N VAL B 46 -4.26 8.94 -9.21
CA VAL B 46 -4.17 7.48 -9.00
C VAL B 46 -3.17 6.86 -9.98
N ALA B 47 -3.31 7.19 -11.25
CA ALA B 47 -2.38 6.72 -12.27
C ALA B 47 -0.91 7.07 -11.92
N ALA B 48 -0.68 8.28 -11.42
CA ALA B 48 0.69 8.66 -11.08
C ALA B 48 1.18 7.84 -9.90
N LEU B 49 0.29 7.66 -8.93
CA LEU B 49 0.65 6.91 -7.72
C LEU B 49 1.02 5.47 -8.05
N VAL B 50 0.21 4.86 -8.90
CA VAL B 50 0.42 3.46 -9.27
C VAL B 50 1.76 3.30 -9.96
N THR B 51 2.10 4.24 -10.85
CA THR B 51 3.36 4.11 -11.57
C THR B 51 4.53 4.46 -10.66
N PHE B 52 4.28 5.30 -9.66
CA PHE B 52 5.33 5.65 -8.70
C PHE B 52 5.73 4.44 -7.86
N VAL B 53 4.74 3.75 -7.29
CA VAL B 53 5.04 2.53 -6.55
C VAL B 53 5.79 1.50 -7.40
N ALA B 54 5.35 1.30 -8.64
CA ALA B 54 6.04 0.32 -9.50
C ALA B 54 7.48 0.74 -9.77
N ALA B 55 7.69 2.04 -9.96
CA ALA B 55 9.03 2.62 -10.10
C ALA B 55 9.97 2.22 -8.97
N ILE B 56 9.52 2.41 -7.73
CA ILE B 56 10.33 2.05 -6.56
C ILE B 56 10.64 0.55 -6.56
N HIS B 57 9.64 -0.25 -6.90
CA HIS B 57 9.76 -1.70 -6.99
C HIS B 57 10.90 -2.06 -7.95
N TYR B 58 10.82 -1.56 -9.17
CA TYR B 58 11.85 -1.86 -10.16
C TYR B 58 13.22 -1.36 -9.77
N TYR B 59 13.28 -0.17 -9.19
CA TYR B 59 14.57 0.37 -8.75
C TYR B 59 15.29 -0.62 -7.82
N PHE B 60 14.56 -1.18 -6.87
CA PHE B 60 15.19 -2.09 -5.92
C PHE B 60 15.50 -3.46 -6.49
N MET B 61 14.84 -3.81 -7.59
CA MET B 61 15.11 -5.07 -8.30
C MET B 61 16.34 -4.96 -9.19
N LYS B 62 16.74 -3.73 -9.48
CA LYS B 62 17.85 -3.47 -10.40
C LYS B 62 19.14 -4.11 -9.90
N ASP B 63 19.14 -4.50 -8.63
CA ASP B 63 20.25 -5.22 -8.00
C ASP B 63 20.61 -6.47 -8.81
CA PHE B 77 13.55 -10.70 -1.66
C PHE B 77 12.58 -10.29 -2.76
N PRO B 78 12.82 -10.76 -3.99
CA PRO B 78 12.05 -10.40 -5.20
C PRO B 78 10.56 -10.64 -5.05
N THR B 79 10.18 -11.73 -4.37
CA THR B 79 8.76 -12.03 -4.15
C THR B 79 8.08 -10.95 -3.32
N GLU B 80 8.60 -10.73 -2.11
CA GLU B 80 8.06 -9.71 -1.21
C GLU B 80 8.04 -8.30 -1.82
N ILE B 81 9.09 -7.96 -2.58
CA ILE B 81 9.13 -6.64 -3.23
C ILE B 81 8.01 -6.50 -4.25
N ARG B 82 7.86 -7.51 -5.11
CA ARG B 82 6.77 -7.52 -6.07
C ARG B 82 5.42 -7.48 -5.35
N TYR B 83 5.27 -8.26 -4.28
CA TYR B 83 3.94 -8.35 -3.68
C TYR B 83 3.49 -7.09 -2.96
N ILE B 84 4.42 -6.37 -2.34
CA ILE B 84 4.07 -5.13 -1.66
C ILE B 84 3.62 -4.07 -2.68
N ASP B 85 4.19 -4.15 -3.88
CA ASP B 85 3.76 -3.33 -5.02
C ASP B 85 2.31 -3.69 -5.37
N TRP B 86 2.08 -4.95 -5.70
CA TRP B 86 0.74 -5.44 -6.00
C TRP B 86 -0.28 -5.09 -4.92
N LEU B 87 0.09 -5.25 -3.66
CA LEU B 87 -0.84 -4.99 -2.57
C LEU B 87 -1.39 -3.59 -2.73
N VAL B 88 -0.54 -2.64 -3.13
CA VAL B 88 -1.07 -1.29 -3.25
C VAL B 88 -1.56 -0.92 -4.64
N THR B 89 -0.89 -1.39 -5.68
CA THR B 89 -1.21 -0.87 -7.02
C THR B 89 -2.50 -1.44 -7.62
N THR B 90 -2.80 -2.69 -7.30
CA THR B 90 -3.97 -3.34 -7.93
C THR B 90 -5.33 -2.85 -7.40
N PRO B 91 -5.45 -2.53 -6.10
CA PRO B 91 -6.72 -1.88 -5.76
C PRO B 91 -6.82 -0.46 -6.31
N LEU B 92 -5.71 0.27 -6.35
CA LEU B 92 -5.74 1.62 -6.93
C LEU B 92 -6.14 1.58 -8.40
N LEU B 93 -5.62 0.58 -9.12
CA LEU B 93 -6.04 0.37 -10.50
C LEU B 93 -7.54 0.11 -10.59
N LEU B 94 -8.06 -0.75 -9.73
CA LEU B 94 -9.46 -1.09 -9.82
C LEU B 94 -10.34 0.11 -9.45
N VAL B 95 -9.86 0.94 -8.53
CA VAL B 95 -10.57 2.13 -8.08
C VAL B 95 -10.91 3.11 -9.23
N LYS B 96 -10.11 3.05 -10.29
CA LYS B 96 -10.38 3.87 -11.48
C LYS B 96 -11.76 3.66 -12.06
N PHE B 97 -12.32 2.46 -11.95
CA PHE B 97 -13.69 2.26 -12.42
C PHE B 97 -14.71 3.13 -11.67
N PRO B 98 -14.81 2.98 -10.33
CA PRO B 98 -15.75 3.90 -9.67
C PRO B 98 -15.36 5.38 -9.77
N LEU B 99 -14.07 5.70 -9.84
CA LEU B 99 -13.67 7.08 -10.10
C LEU B 99 -14.36 7.63 -11.35
N LEU B 100 -14.16 6.94 -12.46
CA LEU B 100 -14.77 7.38 -13.70
C LEU B 100 -16.29 7.39 -13.64
N LEU B 101 -16.87 6.42 -12.93
CA LEU B 101 -18.32 6.35 -12.86
C LEU B 101 -18.93 7.55 -12.14
N GLY B 102 -18.17 8.19 -11.26
CA GLY B 102 -18.70 9.29 -10.49
C GLY B 102 -18.95 8.82 -9.08
N LEU B 103 -17.87 8.75 -8.33
CA LEU B 103 -17.88 8.31 -6.96
C LEU B 103 -18.08 9.53 -6.06
N LYS B 104 -19.29 9.66 -5.50
CA LYS B 104 -19.58 10.72 -4.53
C LYS B 104 -20.34 10.15 -3.34
N GLY B 105 -19.64 10.01 -2.22
CA GLY B 105 -20.24 9.46 -1.01
C GLY B 105 -20.64 8.00 -1.13
N ARG B 106 -21.91 7.73 -0.86
CA ARG B 106 -22.46 6.37 -0.85
C ARG B 106 -22.75 5.91 -2.28
N LEU B 107 -22.86 6.88 -3.19
CA LEU B 107 -22.98 6.58 -4.61
C LEU B 107 -21.69 5.92 -5.11
N GLY B 108 -21.79 4.65 -5.47
CA GLY B 108 -20.62 3.96 -5.98
C GLY B 108 -19.73 3.40 -4.89
N ARG B 109 -20.13 3.55 -3.63
CA ARG B 109 -19.33 2.99 -2.55
C ARG B 109 -19.29 1.46 -2.49
N PRO B 110 -20.46 0.79 -2.61
CA PRO B 110 -20.43 -0.69 -2.57
C PRO B 110 -19.58 -1.33 -3.68
N LEU B 111 -19.64 -0.83 -4.92
CA LEU B 111 -18.77 -1.33 -5.96
C LEU B 111 -17.30 -1.25 -5.50
N LEU B 112 -16.89 -0.06 -5.09
CA LEU B 112 -15.54 0.17 -4.62
C LEU B 112 -15.12 -0.82 -3.52
N THR B 113 -15.97 -0.96 -2.51
CA THR B 113 -15.65 -1.83 -1.38
C THR B 113 -15.43 -3.25 -1.82
N LYS B 114 -16.33 -3.72 -2.70
CA LYS B 114 -16.25 -5.09 -3.21
C LYS B 114 -14.97 -5.29 -3.99
N LEU B 115 -14.63 -4.32 -4.83
CA LEU B 115 -13.42 -4.46 -5.66
C LEU B 115 -12.19 -4.58 -4.76
N VAL B 116 -12.18 -3.79 -3.69
CA VAL B 116 -10.99 -3.68 -2.86
C VAL B 116 -10.78 -4.99 -2.09
N ILE B 117 -11.83 -5.41 -1.39
CA ILE B 117 -11.81 -6.66 -0.65
C ILE B 117 -11.44 -7.86 -1.54
N ALA B 118 -12.05 -7.96 -2.71
CA ALA B 118 -11.75 -9.09 -3.60
C ALA B 118 -10.29 -9.04 -4.04
N ASP B 119 -9.82 -7.84 -4.39
CA ASP B 119 -8.46 -7.71 -4.89
C ASP B 119 -7.44 -8.06 -3.81
N VAL B 120 -7.70 -7.60 -2.59
CA VAL B 120 -6.82 -7.94 -1.48
C VAL B 120 -6.81 -9.45 -1.27
N ILE B 121 -7.97 -10.07 -1.35
CA ILE B 121 -8.03 -11.53 -1.21
C ILE B 121 -7.23 -12.16 -2.34
N MET B 122 -7.40 -11.65 -3.55
CA MET B 122 -6.61 -12.18 -4.67
C MET B 122 -5.12 -12.09 -4.36
N ILE B 123 -4.69 -10.92 -3.87
CA ILE B 123 -3.27 -10.70 -3.65
C ILE B 123 -2.68 -11.52 -2.48
N VAL B 124 -3.40 -11.62 -1.36
CA VAL B 124 -2.80 -12.36 -0.25
C VAL B 124 -2.84 -13.86 -0.56
N GLY B 125 -3.89 -14.30 -1.23
CA GLY B 125 -3.95 -15.65 -1.77
C GLY B 125 -2.67 -15.99 -2.53
N GLY B 126 -2.28 -15.10 -3.45
CA GLY B 126 -1.06 -15.32 -4.21
C GLY B 126 0.18 -15.30 -3.35
N TYR B 127 0.24 -14.39 -2.38
CA TYR B 127 1.43 -14.27 -1.53
C TYR B 127 1.62 -15.50 -0.63
N ILE B 128 0.53 -15.95 -0.02
CA ILE B 128 0.55 -17.24 0.66
C ILE B 128 1.18 -18.31 -0.22
N GLY B 129 0.67 -18.40 -1.43
CA GLY B 129 1.12 -19.43 -2.36
C GLY B 129 2.59 -19.37 -2.64
N GLU B 130 3.04 -18.22 -3.16
CA GLU B 130 4.45 -18.09 -3.55
C GLU B 130 5.41 -18.26 -2.37
N SER B 131 4.97 -17.86 -1.17
CA SER B 131 5.77 -18.04 0.05
C SER B 131 5.93 -19.52 0.42
N SER B 132 4.83 -20.27 0.41
CA SER B 132 4.89 -21.72 0.65
C SER B 132 5.87 -22.40 -0.31
N ILE B 133 5.68 -22.16 -1.61
CA ILE B 133 6.55 -22.74 -2.63
C ILE B 133 8.00 -22.41 -2.34
N ASN B 134 8.29 -21.11 -2.15
CA ASN B 134 9.65 -20.63 -1.90
C ASN B 134 10.30 -21.29 -0.70
N ILE B 135 9.59 -21.34 0.43
CA ILE B 135 10.06 -21.99 1.64
C ILE B 135 10.44 -23.45 1.38
N ALA B 136 9.62 -24.14 0.61
CA ALA B 136 9.78 -25.58 0.37
C ALA B 136 10.78 -25.94 -0.72
N GLY B 137 11.08 -25.01 -1.61
CA GLY B 137 12.01 -25.27 -2.68
C GLY B 137 11.34 -25.87 -3.90
N GLY B 138 10.01 -25.93 -3.88
CA GLY B 138 9.26 -26.43 -5.01
C GLY B 138 7.76 -26.46 -4.77
N PHE B 139 7.08 -27.35 -5.49
CA PHE B 139 5.62 -27.47 -5.40
C PHE B 139 5.16 -27.74 -3.97
N THR B 140 4.05 -27.10 -3.60
CA THR B 140 3.34 -27.44 -2.37
C THR B 140 1.85 -27.39 -2.61
N GLN B 141 1.13 -28.10 -1.75
CA GLN B 141 -0.32 -28.12 -1.74
C GLN B 141 -0.88 -26.72 -1.56
N LEU B 142 -0.38 -26.04 -0.53
CA LEU B 142 -0.85 -24.71 -0.17
C LEU B 142 -0.72 -23.79 -1.39
N GLY B 143 0.42 -23.90 -2.07
CA GLY B 143 0.68 -23.14 -3.29
C GLY B 143 -0.37 -23.34 -4.36
N LEU B 144 -1.04 -24.48 -4.35
CA LEU B 144 -2.09 -24.73 -5.34
C LEU B 144 -3.45 -24.16 -4.86
N TRP B 145 -3.86 -24.47 -3.63
CA TRP B 145 -5.20 -24.04 -3.21
C TRP B 145 -5.32 -22.53 -3.07
N SER B 146 -4.35 -21.91 -2.40
CA SER B 146 -4.41 -20.47 -2.19
C SER B 146 -4.42 -19.78 -3.55
N TYR B 147 -3.73 -20.38 -4.51
CA TYR B 147 -3.75 -19.91 -5.90
C TYR B 147 -5.17 -19.89 -6.45
N LEU B 148 -5.87 -21.01 -6.27
CA LEU B 148 -7.22 -21.15 -6.83
C LEU B 148 -8.21 -20.18 -6.19
N ILE B 149 -8.06 -19.98 -4.87
CA ILE B 149 -8.85 -18.97 -4.18
C ILE B 149 -8.55 -17.59 -4.79
N GLY B 150 -7.27 -17.30 -5.02
CA GLY B 150 -6.89 -16.04 -5.64
C GLY B 150 -7.60 -15.86 -6.98
N CYS B 151 -7.60 -16.92 -7.79
CA CYS B 151 -8.21 -16.88 -9.11
C CYS B 151 -9.70 -16.63 -9.01
N PHE B 152 -10.30 -17.23 -7.98
CA PHE B 152 -11.70 -17.07 -7.73
C PHE B 152 -12.00 -15.59 -7.54
N ALA B 153 -11.22 -14.92 -6.69
CA ALA B 153 -11.43 -13.52 -6.37
C ALA B 153 -11.25 -12.65 -7.62
N TRP B 154 -10.27 -12.99 -8.44
CA TRP B 154 -10.02 -12.30 -9.71
C TRP B 154 -11.24 -12.43 -10.62
N ILE B 155 -11.81 -13.63 -10.65
CA ILE B 155 -12.93 -13.91 -11.54
C ILE B 155 -14.14 -13.12 -11.08
N TYR B 156 -14.33 -13.05 -9.76
CA TYR B 156 -15.40 -12.25 -9.17
C TYR B 156 -15.25 -10.76 -9.55
N ILE B 157 -14.02 -10.27 -9.54
CA ILE B 157 -13.77 -8.88 -9.96
C ILE B 157 -14.17 -8.69 -11.42
N ILE B 158 -13.72 -9.60 -12.28
CA ILE B 158 -14.10 -9.52 -13.70
C ILE B 158 -15.62 -9.51 -13.84
N TYR B 159 -16.29 -10.34 -13.04
CA TYR B 159 -17.75 -10.41 -13.03
C TYR B 159 -18.38 -9.05 -12.72
N LEU B 160 -17.92 -8.41 -11.66
CA LEU B 160 -18.40 -7.07 -11.29
C LEU B 160 -18.15 -6.11 -12.44
N LEU B 161 -16.99 -6.20 -13.08
CA LEU B 161 -16.67 -5.29 -14.16
C LEU B 161 -17.60 -5.46 -15.35
N PHE B 162 -17.98 -6.71 -15.62
CA PHE B 162 -18.78 -7.00 -16.80
C PHE B 162 -20.26 -6.97 -16.49
N THR B 163 -20.61 -6.68 -15.25
CA THR B 163 -22.02 -6.55 -14.91
C THR B 163 -22.31 -5.16 -14.36
N ASN B 164 -21.95 -4.95 -13.10
CA ASN B 164 -22.20 -3.70 -12.41
C ASN B 164 -21.61 -2.51 -13.18
N VAL B 165 -20.33 -2.60 -13.52
CA VAL B 165 -19.64 -1.51 -14.20
C VAL B 165 -20.15 -1.31 -15.63
N THR B 166 -20.35 -2.42 -16.35
CA THR B 166 -20.87 -2.35 -17.71
C THR B 166 -22.22 -1.61 -17.74
N LYS B 167 -23.13 -1.98 -16.85
CA LYS B 167 -24.42 -1.30 -16.77
C LYS B 167 -24.30 0.19 -16.40
N ALA B 168 -23.60 0.50 -15.31
CA ALA B 168 -23.50 1.89 -14.87
C ALA B 168 -22.79 2.79 -15.91
N ALA B 169 -21.94 2.18 -16.73
CA ALA B 169 -21.27 2.89 -17.79
C ALA B 169 -22.25 3.58 -18.75
N GLU B 170 -23.48 3.06 -18.82
CA GLU B 170 -24.46 3.59 -19.77
C GLU B 170 -25.03 4.93 -19.35
N ASN B 171 -24.77 5.34 -18.12
CA ASN B 171 -25.22 6.64 -17.63
C ASN B 171 -24.14 7.70 -17.79
N LYS B 172 -23.04 7.35 -18.47
CA LYS B 172 -21.91 8.26 -18.63
C LYS B 172 -21.84 8.77 -20.06
N PRO B 173 -21.23 9.95 -20.26
CA PRO B 173 -21.14 10.44 -21.65
C PRO B 173 -20.23 9.52 -22.45
N ALA B 174 -20.38 9.50 -23.77
CA ALA B 174 -19.73 8.49 -24.61
C ALA B 174 -18.23 8.20 -24.33
N PRO B 175 -17.39 9.25 -24.22
CA PRO B 175 -15.96 8.96 -24.03
C PRO B 175 -15.64 8.24 -22.71
N ILE B 176 -16.37 8.55 -21.65
CA ILE B 176 -16.15 7.91 -20.36
C ILE B 176 -16.64 6.48 -20.47
N ARG B 177 -17.81 6.35 -21.09
CA ARG B 177 -18.42 5.04 -21.29
C ARG B 177 -17.51 4.12 -22.09
N ASP B 178 -16.92 4.65 -23.17
CA ASP B 178 -16.05 3.85 -24.02
CA ASP B 178 -16.05 3.86 -24.02
C ASP B 178 -14.78 3.43 -23.28
N ALA B 179 -14.20 4.33 -22.50
CA ALA B 179 -12.99 4.00 -21.77
C ALA B 179 -13.26 2.89 -20.75
N LEU B 180 -14.36 3.02 -20.00
CA LEU B 180 -14.78 1.99 -19.04
C LEU B 180 -14.90 0.62 -19.71
N LEU B 181 -15.54 0.58 -20.86
CA LEU B 181 -15.73 -0.70 -21.54
C LEU B 181 -14.39 -1.28 -22.00
N LYS B 182 -13.48 -0.42 -22.46
CA LYS B 182 -12.16 -0.87 -22.88
C LYS B 182 -11.31 -1.30 -21.69
N MET B 183 -11.46 -0.58 -20.57
CA MET B 183 -10.62 -0.81 -19.40
C MET B 183 -10.86 -2.20 -18.81
N ARG B 184 -12.09 -2.69 -18.93
CA ARG B 184 -12.42 -4.06 -18.49
C ARG B 184 -11.50 -5.11 -19.12
N LEU B 185 -11.11 -4.89 -20.38
CA LEU B 185 -10.30 -5.86 -21.11
C LEU B 185 -8.91 -6.06 -20.49
N PHE B 186 -8.35 -4.97 -19.93
CA PHE B 186 -7.09 -5.04 -19.19
C PHE B 186 -7.19 -6.02 -18.02
N ILE B 187 -8.27 -5.93 -17.26
CA ILE B 187 -8.42 -6.78 -16.08
C ILE B 187 -8.74 -8.21 -16.53
N LEU B 188 -9.44 -8.33 -17.66
CA LEU B 188 -9.71 -9.67 -18.21
C LEU B 188 -8.48 -10.30 -18.88
N ILE B 189 -7.81 -9.54 -19.74
CA ILE B 189 -6.74 -10.09 -20.57
C ILE B 189 -5.35 -9.71 -20.06
N GLY B 190 -5.13 -8.41 -19.84
CA GLY B 190 -3.86 -7.95 -19.33
C GLY B 190 -3.51 -8.57 -17.99
N TRP B 191 -4.51 -8.72 -17.11
CA TRP B 191 -4.23 -9.31 -15.81
C TRP B 191 -4.06 -10.84 -15.80
N ALA B 192 -4.64 -11.53 -16.79
CA ALA B 192 -4.49 -12.98 -16.92
C ALA B 192 -3.02 -13.45 -16.91
N ILE B 193 -2.12 -12.60 -17.43
CA ILE B 193 -0.69 -12.90 -17.47
C ILE B 193 -0.09 -13.31 -16.12
N TYR B 194 -0.49 -12.66 -15.03
CA TYR B 194 0.12 -12.96 -13.73
C TYR B 194 -0.18 -14.37 -13.17
N PRO B 195 -1.46 -14.77 -13.06
CA PRO B 195 -1.72 -16.16 -12.65
C PRO B 195 -1.17 -17.21 -13.61
N ILE B 196 -0.99 -16.85 -14.88
CA ILE B 196 -0.38 -17.81 -15.84
C ILE B 196 1.09 -18.03 -15.48
N GLY B 197 1.83 -16.94 -15.30
CA GLY B 197 3.21 -17.03 -14.84
C GLY B 197 3.34 -17.69 -13.48
N TYR B 198 2.27 -17.66 -12.69
CA TYR B 198 2.27 -18.35 -11.40
C TYR B 198 2.19 -19.85 -11.69
N ALA B 199 1.22 -20.24 -12.52
CA ALA B 199 1.02 -21.65 -12.84
C ALA B 199 2.28 -22.32 -13.41
N VAL B 200 2.91 -21.66 -14.39
CA VAL B 200 4.17 -22.16 -14.94
C VAL B 200 5.22 -22.30 -13.84
N THR B 201 5.35 -21.26 -13.02
CA THR B 201 6.23 -21.27 -11.85
C THR B 201 5.94 -22.43 -10.90
N LEU B 202 4.66 -22.74 -10.71
CA LEU B 202 4.27 -23.90 -9.89
C LEU B 202 4.85 -25.21 -10.42
N PHE B 203 4.72 -25.42 -11.73
CA PHE B 203 4.87 -26.76 -12.32
C PHE B 203 6.02 -26.90 -13.31
N ALA B 204 6.89 -25.89 -13.36
CA ALA B 204 8.08 -25.91 -14.22
C ALA B 204 9.16 -25.01 -13.65
N PRO B 205 9.69 -25.37 -12.48
CA PRO B 205 10.61 -24.48 -11.76
C PRO B 205 11.96 -24.38 -12.44
N GLY B 206 12.80 -23.49 -11.96
CA GLY B 206 14.09 -23.23 -12.58
C GLY B 206 14.32 -21.74 -12.73
N VAL B 207 15.57 -21.32 -12.60
CA VAL B 207 15.91 -19.89 -12.68
C VAL B 207 15.49 -19.30 -14.02
N GLU B 208 15.81 -19.99 -15.11
CA GLU B 208 15.50 -19.50 -16.45
C GLU B 208 14.01 -19.18 -16.62
N ILE B 209 13.15 -20.04 -16.09
CA ILE B 209 11.71 -19.87 -16.21
C ILE B 209 11.23 -18.70 -15.35
N GLN B 210 11.82 -18.54 -14.17
CA GLN B 210 11.49 -17.41 -13.31
C GLN B 210 11.99 -16.11 -13.92
N LEU B 211 13.08 -16.18 -14.69
CA LEU B 211 13.64 -15.02 -15.36
C LEU B 211 12.67 -14.46 -16.38
N VAL B 212 12.18 -15.34 -17.25
CA VAL B 212 11.26 -14.90 -18.31
C VAL B 212 9.94 -14.47 -17.66
N ARG B 213 9.62 -15.09 -16.53
CA ARG B 213 8.46 -14.67 -15.76
C ARG B 213 8.56 -13.21 -15.38
N GLU B 214 9.70 -12.83 -14.81
CA GLU B 214 9.93 -11.44 -14.44
C GLU B 214 9.89 -10.57 -15.70
N LEU B 215 10.40 -11.11 -16.80
CA LEU B 215 10.41 -10.43 -18.08
C LEU B 215 9.00 -10.15 -18.60
N ILE B 216 8.13 -11.16 -18.56
CA ILE B 216 6.77 -11.00 -19.06
C ILE B 216 5.91 -10.13 -18.12
N TYR B 217 6.10 -10.27 -16.80
CA TYR B 217 5.46 -9.41 -15.81
C TYR B 217 5.85 -7.95 -16.04
N ASN B 218 7.11 -7.75 -16.42
CA ASN B 218 7.60 -6.43 -16.75
C ASN B 218 6.76 -5.79 -17.86
N PHE B 219 6.55 -6.52 -18.96
CA PHE B 219 5.74 -6.02 -20.07
C PHE B 219 4.29 -5.84 -19.66
N ALA B 220 3.75 -6.81 -18.94
CA ALA B 220 2.40 -6.71 -18.39
C ALA B 220 2.21 -5.48 -17.48
N ASP B 221 3.15 -5.25 -16.57
CA ASP B 221 3.05 -4.11 -15.64
C ASP B 221 2.94 -2.79 -16.41
N LEU B 222 3.83 -2.60 -17.39
CA LEU B 222 3.82 -1.40 -18.23
C LEU B 222 2.49 -1.24 -18.97
N THR B 223 1.95 -2.35 -19.45
CA THR B 223 0.67 -2.33 -20.14
C THR B 223 -0.44 -1.97 -19.17
N ASN B 224 -0.43 -2.64 -18.01
CA ASN B 224 -1.55 -2.58 -17.06
C ASN B 224 -1.52 -1.35 -16.16
N LYS B 225 -0.44 -0.59 -16.25
CA LYS B 225 -0.32 0.63 -15.45
C LYS B 225 -0.22 1.85 -16.35
N VAL B 226 0.80 1.91 -17.20
CA VAL B 226 0.92 3.02 -18.14
C VAL B 226 -0.19 2.99 -19.20
N GLY B 227 -0.29 1.89 -19.95
CA GLY B 227 -1.33 1.76 -20.97
C GLY B 227 -2.73 2.00 -20.40
N PHE B 228 -3.07 1.26 -19.35
CA PHE B 228 -4.34 1.44 -18.63
C PHE B 228 -4.50 2.90 -18.20
N GLY B 229 -3.45 3.48 -17.62
CA GLY B 229 -3.47 4.89 -17.27
C GLY B 229 -3.74 5.80 -18.46
N LEU B 230 -3.11 5.49 -19.58
CA LEU B 230 -3.33 6.27 -20.80
C LEU B 230 -4.77 6.23 -21.32
N ILE B 231 -5.40 5.07 -21.26
CA ILE B 231 -6.76 4.91 -21.74
C ILE B 231 -7.72 5.75 -20.89
N ALA B 232 -7.63 5.60 -19.57
CA ALA B 232 -8.44 6.41 -18.67
C ALA B 232 -8.15 7.91 -18.88
N PHE B 233 -6.86 8.26 -18.92
CA PHE B 233 -6.49 9.66 -19.10
C PHE B 233 -7.07 10.25 -20.40
N PHE B 234 -7.00 9.48 -21.49
CA PHE B 234 -7.52 9.91 -22.77
C PHE B 234 -9.00 10.36 -22.68
N ALA B 235 -9.80 9.61 -21.94
CA ALA B 235 -11.22 9.95 -21.80
C ALA B 235 -11.46 11.23 -21.00
N VAL B 236 -10.79 11.37 -19.86
CA VAL B 236 -11.03 12.54 -19.02
C VAL B 236 -10.43 13.79 -19.66
N LYS B 237 -9.32 13.60 -20.37
CA LYS B 237 -8.75 14.67 -21.16
C LYS B 237 -9.74 15.11 -22.23
N THR B 238 -10.34 14.14 -22.91
CA THR B 238 -11.36 14.43 -23.92
C THR B 238 -12.49 15.23 -23.29
N MET B 239 -12.98 14.78 -22.14
CA MET B 239 -14.08 15.47 -21.45
C MET B 239 -13.65 16.87 -21.04
N SER B 240 -12.45 16.98 -20.48
CA SER B 240 -11.93 18.29 -20.08
C SER B 240 -11.89 19.25 -21.26
N SER B 241 -11.41 18.77 -22.40
CA SER B 241 -11.35 19.57 -23.62
C SER B 241 -12.71 20.09 -24.05
N LEU B 242 -13.71 19.20 -24.08
CA LEU B 242 -15.07 19.56 -24.45
C LEU B 242 -15.70 20.56 -23.48
N SER B 243 -15.10 20.70 -22.29
CA SER B 243 -15.54 21.68 -21.32
C SER B 243 -14.46 22.74 -21.08
C1 RET C . -7.20 0.11 12.54
C2 RET C . -8.68 0.15 12.93
C3 RET C . -8.98 -1.34 13.09
C4 RET C . -8.21 -1.88 14.31
C5 RET C . -6.77 -1.44 14.38
C6 RET C . -6.28 -0.46 13.60
C7 RET C . -4.83 -0.16 13.77
C8 RET C . -4.04 0.52 12.92
C9 RET C . -2.61 0.73 13.17
C10 RET C . -1.93 1.55 12.33
C11 RET C . -0.50 1.79 12.44
C12 RET C . 0.00 2.79 11.71
C13 RET C . 1.43 3.13 11.67
C14 RET C . 1.86 3.98 10.71
C15 RET C . 3.27 4.33 10.60
C16 RET C . -6.73 0.61 11.17
C17 RET C . -7.09 1.55 13.05
C18 RET C . -5.91 -2.11 15.41
C19 RET C . -1.90 0.00 14.28
C20 RET C . 2.41 2.52 12.63
C1 LFA D . -15.20 12.71 23.98
C2 LFA D . -13.69 12.71 23.88
C3 LFA D . -13.08 11.47 24.53
C4 LFA D . -11.57 11.42 24.29
C5 LFA D . -10.92 10.18 24.90
C6 LFA D . -9.42 10.20 24.62
C7 LFA D . -8.69 9.03 25.26
C8 LFA D . -7.20 9.34 25.38
C9 LFA D . -6.68 10.16 24.20
C1 LFA E . -21.42 10.38 22.91
C2 LFA E . -20.83 9.12 23.48
C3 LFA E . -19.80 9.43 24.57
C4 LFA E . -18.74 8.34 24.67
C5 LFA E . -17.66 8.48 23.60
C6 LFA E . -16.59 7.40 23.77
C7 LFA E . -15.23 7.89 23.28
C8 LFA E . -14.08 7.02 23.81
C9 LFA E . -14.08 5.65 23.17
C10 LFA E . -12.92 4.82 23.71
C1 LFA F . 24.93 -5.15 0.12
C2 LFA F . 23.49 -5.57 0.35
C3 LFA F . 22.57 -4.94 -0.70
C4 LFA F . 21.23 -4.52 -0.08
C5 LFA F . 21.21 -3.04 0.27
C6 LFA F . 19.79 -2.56 0.51
C7 LFA F . 18.88 -3.01 -0.64
C8 LFA F . 17.41 -2.70 -0.37
C9 LFA F . 16.80 -3.67 0.64
C10 LFA F . 15.35 -4.03 0.28
C11 LFA F . 14.56 -2.80 -0.14
C12 LFA F . 13.04 -3.04 -0.05
C13 LFA F . 12.37 -2.57 -1.33
C14 LFA F . 10.85 -2.51 -1.21
C15 LFA F . 10.23 -2.02 -2.51
C16 LFA F . 8.77 -1.66 -2.27
C17 LFA F . 8.03 -1.23 -3.53
C18 LFA F . 6.58 -0.90 -3.20
C1 LFA G . 6.53 2.31 -1.82
C2 LFA G . 5.13 2.87 -1.64
C3 LFA G . 5.04 4.35 -2.00
C4 LFA G . 3.71 4.93 -1.52
C5 LFA G . 3.46 6.31 -2.12
C6 LFA G . 2.99 7.33 -1.09
C7 LFA G . 1.62 7.03 -0.49
C8 LFA G . 1.13 8.16 0.43
C9 LFA G . 0.59 9.36 -0.36
C10 LFA G . -0.69 8.98 -1.07
C11 LFA G . -1.35 10.08 -1.90
C12 LFA G . -2.69 9.50 -2.35
C13 LFA G . -3.67 10.49 -2.96
C14 LFA G . -5.00 9.80 -3.23
C1 LFA H . 0.95 -19.69 5.83
C2 LFA H . 0.52 -19.36 7.26
C3 LFA H . -0.61 -18.34 7.26
C4 LFA H . -1.10 -18.02 8.67
C5 LFA H . -2.14 -16.90 8.64
C6 LFA H . -2.52 -16.36 10.02
C7 LFA H . -3.66 -15.35 9.88
C8 LFA H . -4.12 -14.85 11.24
C9 LFA H . -5.54 -14.29 11.17
C10 LFA H . -5.58 -12.85 11.66
C11 LFA H . -6.75 -12.60 12.61
C12 LFA H . -8.10 -12.77 11.93
C13 LFA H . -9.11 -11.80 12.52
C14 LFA H . -10.47 -11.96 11.84
C1 LFA I . 10.81 1.59 24.54
C2 LFA I . 9.83 1.95 23.45
C3 LFA I . 8.42 2.22 23.98
C4 LFA I . 7.50 2.67 22.85
C5 LFA I . 6.23 3.34 23.35
C6 LFA I . 5.80 4.45 22.40
C7 LFA I . 4.47 5.10 22.75
C8 LFA I . 4.50 5.93 24.03
C9 LFA I . 3.35 6.94 24.05
C10 LFA I . 2.82 7.18 25.46
C11 LFA I . 1.60 6.29 25.76
C12 LFA I . 0.66 6.22 24.55
C13 LFA I . -0.75 5.77 24.95
C14 LFA I . -0.98 4.29 24.66
C1 LFA J . -6.82 9.85 20.52
C2 LFA J . -7.82 10.88 20.03
C3 LFA J . -8.22 11.86 21.12
C4 LFA J . -9.08 13.00 20.57
C5 LFA J . -9.68 13.87 21.67
C6 LFA J . -10.24 15.18 21.10
C7 LFA J . -10.65 16.14 22.22
C8 LFA J . -10.39 17.61 21.84
C9 LFA J . -11.62 18.27 21.21
C10 LFA J . -11.40 19.78 21.04
C1 LFA K . 14.34 12.60 0.46
C2 LFA K . 13.54 12.96 1.70
C3 LFA K . 12.03 12.87 1.47
C4 LFA K . 11.52 13.89 0.43
C5 LFA K . 10.04 13.68 0.13
C6 LFA K . 9.52 14.70 -0.88
C7 LFA K . 8.04 14.51 -1.20
C8 LFA K . 7.51 15.55 -2.18
C1 LFA L . 10.52 21.44 0.35
C2 LFA L . 9.22 22.13 0.71
C3 LFA L . 8.31 22.31 -0.51
C4 LFA L . 7.12 23.22 -0.20
C5 LFA L . 6.21 23.40 -1.41
C6 LFA L . 4.86 24.01 -1.03
C7 LFA L . 3.91 24.04 -2.22
C8 LFA L . 2.79 25.05 -2.04
C9 LFA L . 1.80 24.64 -0.95
C10 LFA L . 0.42 25.27 -1.17
C1 LFA M . -7.85 -11.13 3.31
C2 LFA M . -8.35 -9.78 3.80
C3 LFA M . -9.67 -9.40 3.16
C4 LFA M . -10.21 -8.07 3.69
C5 LFA M . -10.71 -8.18 5.12
C6 LFA M . -11.75 -7.11 5.43
C7 LFA M . -12.06 -7.04 6.93
C8 LFA M . -13.56 -6.95 7.20
C9 LFA M . -14.27 -6.03 6.23
C10 LFA M . -15.78 -6.20 6.28
C1 LFA N . -4.46 -19.39 6.07
C2 LFA N . -4.86 -17.98 6.44
C3 LFA N . -6.12 -17.56 5.71
C4 LFA N . -6.65 -16.21 6.20
C5 LFA N . -6.98 -16.26 7.69
C6 LFA N . -8.15 -15.35 8.04
C1 LFA O . 2.38 9.52 21.48
C2 LFA O . 1.84 10.22 22.71
C3 LFA O . 0.38 10.64 22.60
C4 LFA O . -0.56 9.60 23.22
C5 LFA O . -2.00 10.12 23.31
C6 LFA O . -3.00 8.99 23.55
C1 RET P . -2.03 -14.03 -8.03
C2 RET P . -1.83 -15.52 -7.79
C3 RET P . -3.17 -15.95 -7.22
C4 RET P . -4.27 -15.78 -8.28
C5 RET P . -4.15 -14.51 -9.12
C6 RET P . -3.08 -13.68 -9.07
C7 RET P . -3.13 -12.46 -9.93
C8 RET P . -2.50 -11.31 -9.64
C9 RET P . -2.58 -10.07 -10.46
C10 RET P . -1.60 -9.16 -10.36
C11 RET P . -1.63 -7.89 -11.08
C12 RET P . -0.58 -7.08 -10.94
C13 RET P . -0.52 -5.74 -11.56
C14 RET P . 0.53 -4.96 -11.22
C15 RET P . 0.67 -3.61 -11.73
C16 RET P . -1.15 -13.01 -7.31
C17 RET P . -0.91 -14.12 -9.10
C18 RET P . -5.29 -14.24 -10.07
C19 RET P . -3.78 -9.81 -11.33
C20 RET P . -1.60 -5.25 -12.47
C1 LFA Q . 0.11 -9.71 0.82
C2 LFA Q . 1.28 -8.93 0.26
C3 LFA Q . 2.49 -9.11 1.18
C4 LFA Q . 3.64 -8.24 0.70
C5 LFA Q . 4.50 -7.82 1.89
C6 LFA Q . 5.79 -8.62 1.92
C7 LFA Q . 6.63 -8.13 3.07
C8 LFA Q . 7.06 -6.69 2.81
C9 LFA Q . 8.57 -6.67 2.59
C10 LFA Q . 8.96 -5.89 1.34
C11 LFA Q . 10.44 -5.54 1.43
C12 LFA Q . 11.30 -6.77 1.71
C13 LFA Q . 12.74 -6.38 2.06
C14 LFA Q . 13.68 -7.58 1.95
C1 LFA R . -0.23 12.12 -5.91
C2 LFA R . 0.74 10.99 -5.61
C3 LFA R . 1.69 10.73 -6.78
C4 LFA R . 3.03 10.17 -6.32
C5 LFA R . 3.90 11.24 -5.65
C6 LFA R . 5.37 11.09 -6.01
C7 LFA R . 6.24 12.05 -5.21
C8 LFA R . 7.71 12.02 -5.61
C9 LFA R . 8.60 12.53 -4.47
C10 LFA R . 10.06 12.67 -4.88
C11 LFA R . 10.65 11.34 -5.34
C12 LFA R . 12.17 11.34 -5.28
C1 LFA S . 17.13 8.50 -11.32
C2 LFA S . 17.72 7.21 -10.75
C3 LFA S . 19.05 6.88 -11.42
C4 LFA S . 19.64 5.57 -10.90
C5 LFA S . 21.12 5.47 -11.21
C6 LFA S . 21.95 5.18 -9.97
C7 LFA S . 22.56 3.78 -10.06
C8 LFA S . 23.56 3.51 -8.92
C9 LFA S . 24.33 2.23 -9.18
C10 LFA S . 23.41 1.07 -9.53
C1 LFA T . -3.72 -26.10 -12.23
C2 LFA T . -2.83 -27.18 -11.67
C3 LFA T . -3.14 -28.56 -12.25
C4 LFA T . -2.07 -29.59 -11.87
C5 LFA T . -1.85 -29.69 -10.36
C6 LFA T . -0.37 -29.72 -9.99
C7 LFA T . 0.13 -31.11 -9.61
C8 LFA T . 1.64 -31.15 -9.59
C9 LFA T . 2.19 -32.28 -8.73
C10 LFA T . 3.69 -32.13 -8.51
C11 LFA T . 4.19 -33.02 -7.38
C12 LFA T . 5.70 -32.90 -7.18
C1 LFA U . 3.40 20.66 -11.59
C2 LFA U . 4.16 19.41 -12.00
C3 LFA U . 5.20 19.02 -10.97
C4 LFA U . 5.86 17.68 -11.32
C5 LFA U . 6.81 17.21 -10.23
C6 LFA U . 6.98 15.69 -10.31
C7 LFA U . 8.00 15.17 -9.31
C8 LFA U . 8.02 13.65 -9.28
C1 LFA V . -13.64 -15.90 -21.17
C2 LFA V . -14.43 -14.69 -20.72
C3 LFA V . -15.38 -14.16 -21.80
C4 LFA V . -15.90 -12.76 -21.45
C5 LFA V . -17.41 -12.72 -21.27
C6 LFA V . -18.00 -11.33 -21.50
C7 LFA V . -19.45 -11.38 -21.99
C8 LFA V . -19.97 -9.98 -22.29
C9 LFA V . -21.10 -9.95 -23.33
C10 LFA V . -22.44 -10.36 -22.72
C1 LFA W . -13.77 -15.18 -16.35
C2 LFA W . -14.72 -14.25 -17.09
C3 LFA W . -16.04 -14.06 -16.33
C4 LFA W . -16.95 -13.12 -17.13
C5 LFA W . -18.33 -12.90 -16.53
C6 LFA W . -19.10 -12.01 -17.50
C7 LFA W . -20.57 -11.82 -17.15
C8 LFA W . -21.31 -11.22 -18.34
C9 LFA W . -22.81 -11.09 -18.07
C10 LFA W . -23.58 -10.77 -19.34
C11 LFA W . -25.09 -10.71 -19.09
C12 LFA W . -25.43 -9.65 -18.03
C1 LFA X . -6.84 0.47 1.54
C2 LFA X . -7.04 1.76 0.76
C3 LFA X . -7.48 1.48 -0.68
C4 LFA X . -7.36 2.71 -1.57
C5 LFA X . -8.69 3.42 -1.75
C6 LFA X . -8.69 4.46 -2.88
C7 LFA X . -10.03 5.19 -2.88
C8 LFA X . -10.16 6.27 -3.95
C9 LFA X . -10.84 7.53 -3.43
C10 LFA X . -12.19 7.29 -2.75
C11 LFA X . -12.91 8.61 -2.50
C12 LFA X . -13.90 8.55 -1.35
C13 LFA X . -14.19 9.93 -0.77
C14 LFA X . -15.52 9.98 -0.04
C1 LFA Y . -12.01 -13.86 -24.70
C2 LFA Y . -12.15 -12.41 -25.13
C3 LFA Y . -13.53 -11.87 -24.78
C4 LFA Y . -13.62 -10.37 -25.02
C5 LFA Y . -15.00 -9.84 -24.69
C6 LFA Y . -15.10 -8.33 -24.88
C7 LFA Y . -16.48 -7.88 -25.34
C8 LFA Y . -17.57 -8.31 -24.39
C1 LFA Z . -1.18 -7.59 -23.06
C2 LFA Z . -2.67 -7.53 -23.29
C3 LFA Z . -3.27 -6.23 -22.77
C4 LFA Z . -4.79 -6.23 -22.96
C5 LFA Z . -5.34 -4.81 -23.06
C6 LFA Z . -6.45 -4.74 -24.10
C7 LFA Z . -6.75 -3.30 -24.51
C8 LFA Z . -7.80 -3.23 -25.61
C1 LFA AA . 0.01 -29.04 3.50
C2 LFA AA . -0.90 -27.84 3.26
C3 LFA AA . -2.34 -28.17 3.63
C4 LFA AA . -3.28 -27.01 3.33
C5 LFA AA . -4.74 -27.41 3.59
C6 LFA AA . -5.62 -26.16 3.71
C7 LFA AA . -5.72 -25.42 2.39
C8 LFA AA . -6.50 -24.11 2.54
C1 LFA BA . -5.94 -31.26 2.57
C2 LFA BA . -7.23 -30.76 1.98
C3 LFA BA . -7.03 -29.99 0.67
C4 LFA BA . -8.32 -29.27 0.29
C5 LFA BA . -8.17 -28.35 -0.92
C6 LFA BA . -9.24 -27.26 -0.92
C7 LFA BA . -8.98 -26.21 0.16
C8 LFA BA . -10.05 -25.12 0.15
C1 LFA CA . 14.48 4.60 0.08
C2 LFA CA . 13.90 5.97 -0.24
C3 LFA CA . 13.36 6.02 -1.67
C4 LFA CA . 14.43 5.68 -2.68
C5 LFA CA . 14.04 6.14 -4.09
C6 LFA CA . 14.04 4.98 -5.06
C7 LFA CA . 13.80 5.44 -6.49
C8 LFA CA . 12.57 6.35 -6.55
C9 LFA CA . 12.40 6.98 -7.92
C10 LFA CA . 11.18 7.90 -7.93
C1 LFA DA . -13.82 -15.23 -2.94
C2 LFA DA . -14.78 -14.28 -3.62
C3 LFA DA . -14.51 -12.81 -3.26
C4 LFA DA . -15.45 -12.34 -2.16
C5 LFA DA . -15.70 -10.83 -2.21
C6 LFA DA . -16.79 -10.39 -1.24
C7 LFA DA . -16.74 -8.89 -1.00
C8 LFA DA . -18.12 -8.30 -0.66
C1 LFA EA . 26.43 -5.20 -15.84
C2 LFA EA . 25.36 -4.15 -15.99
C3 LFA EA . 24.74 -4.19 -17.39
C4 LFA EA . 23.56 -3.22 -17.47
C5 LFA EA . 22.80 -3.36 -18.78
C6 LFA EA . 21.72 -2.28 -18.88
C1 LFA FA . -14.07 -11.59 2.81
C2 LFA FA . -14.28 -11.26 4.27
C3 LFA FA . -15.00 -9.92 4.41
C4 LFA FA . -16.43 -10.03 3.92
C5 LFA FA . -17.27 -8.87 4.49
C6 LFA FA . -18.76 -9.12 4.33
C1 LFA GA . 23.97 -1.24 -14.42
C2 LFA GA . 23.41 0.07 -14.92
C3 LFA GA . 22.54 -0.13 -16.17
C4 LFA GA . 22.21 1.18 -16.86
C5 LFA GA . 21.46 2.14 -15.95
C6 LFA GA . 20.69 3.19 -16.75
C7 LFA GA . 19.63 2.55 -17.63
C8 LFA GA . 18.51 3.55 -17.90
C9 LFA GA . 18.20 3.64 -19.39
C10 LFA GA . 17.02 2.75 -19.79
C11 LFA GA . 16.18 3.43 -20.87
C12 LFA GA . 15.04 2.54 -21.36
C1 LFA HA . 1.23 -30.75 -14.61
C2 LFA HA . 0.39 -29.51 -14.45
C3 LFA HA . -0.09 -28.96 -15.79
C4 LFA HA . -0.44 -27.47 -15.69
C5 LFA HA . -0.22 -26.74 -17.02
C6 LFA HA . -0.16 -25.23 -16.85
C7 LFA HA . -1.42 -24.54 -17.39
C8 LFA HA . -1.28 -23.03 -17.45
#